data_3ZIO
#
_entry.id   3ZIO
#
_cell.length_a   78.940
_cell.length_b   90.180
_cell.length_c   100.700
_cell.angle_alpha   90.00
_cell.angle_beta   90.00
_cell.angle_gamma   90.00
#
_symmetry.space_group_name_H-M   'P 21 21 21'
#
loop_
_entity.id
_entity.type
_entity.pdbx_description
1 polymer 'IMPORTIN SUBUNIT ALPHA-2'
2 polymer A28NLS
3 water water
#
loop_
_entity_poly.entity_id
_entity_poly.type
_entity_poly.pdbx_seq_one_letter_code
_entity_poly.pdbx_strand_id
1 'polypeptide(L)'
;SGMKETAAAKFERQHMDSPDLGTDDDDKAMADIGSGTVNWSVEDIVKGINSNNLESQLQATQAARKLLSREKQPPIDNII
RAGLIPKFVSFLGKTDCSPIQFESAWALTNIASGTSEQTKAVVDGGAIPAFISLLASPHAHISEQAVWALGNIAGDGSAF
RDLVIKHGAIDPLLALLAVPDLSTLACGYLRNLTWTLSNLCRNKNPAPPLDAVEQILPTLVRLLHHNDPEVLADSCWAIS
YLTDGPNERIEMVVKKGVVPQLVKLLGATELPIVTPALRAIGNIVTGTDEQTQKVIDAGALAVFPSLLTNPKTNIQKEAT
WTMSNITAGRQDQIQQVVNHGLVPFLVGVLSKADFKTQKEAAWAITNYTSGGTVEQIVYLVHCGIIEPLMNLLSAKDTKI
IQVILDAISNIFQAAEKLGETEKLSIMIEECGGLDKIEALQRHENESVYKASLNLIEKYFS
;
A
2 'polypeptide(L)' IGRKRGYSVAFG B,C
#
# COMPACT_ATOMS: atom_id res chain seq x y z
N GLY A 36 0.63 -37.24 -22.58
CA GLY A 36 0.62 -36.79 -23.97
C GLY A 36 1.44 -35.53 -24.18
N THR A 37 1.08 -34.44 -23.47
CA THR A 37 1.77 -33.14 -23.56
C THR A 37 2.57 -32.85 -22.27
N VAL A 38 2.77 -33.89 -21.43
CA VAL A 38 3.48 -33.81 -20.16
C VAL A 38 4.99 -34.11 -20.36
N ASN A 39 5.84 -33.25 -19.76
CA ASN A 39 7.30 -33.29 -19.69
C ASN A 39 7.99 -33.33 -21.08
N TRP A 40 7.57 -32.45 -22.00
CA TRP A 40 8.21 -32.33 -23.31
C TRP A 40 9.47 -31.51 -23.19
N SER A 41 10.49 -31.82 -24.00
CA SER A 41 11.71 -31.01 -24.07
C SER A 41 11.40 -29.75 -24.89
N VAL A 42 12.20 -28.68 -24.74
CA VAL A 42 12.01 -27.41 -25.48
C VAL A 42 12.17 -27.68 -27.00
N GLU A 43 13.13 -28.56 -27.36
CA GLU A 43 13.44 -28.99 -28.74
C GLU A 43 12.20 -29.58 -29.41
N ASP A 44 11.47 -30.46 -28.70
CA ASP A 44 10.24 -31.08 -29.19
C ASP A 44 9.13 -30.04 -29.37
N ILE A 45 9.02 -29.09 -28.42
CA ILE A 45 8.04 -28.00 -28.46
C ILE A 45 8.29 -27.16 -29.73
N VAL A 46 9.57 -26.80 -29.97
CA VAL A 46 9.99 -26.02 -31.15
C VAL A 46 9.63 -26.80 -32.44
N LYS A 47 9.92 -28.11 -32.48
CA LYS A 47 9.61 -28.94 -33.64
C LYS A 47 8.11 -28.94 -33.97
N GLY A 48 7.27 -29.06 -32.93
CA GLY A 48 5.82 -29.04 -33.09
C GLY A 48 5.26 -27.70 -33.54
N ILE A 49 5.77 -26.61 -32.95
CA ILE A 49 5.35 -25.24 -33.25
C ILE A 49 5.82 -24.83 -34.67
N ASN A 50 7.00 -25.34 -35.12
CA ASN A 50 7.56 -25.05 -36.44
C ASN A 50 6.96 -25.91 -37.55
N SER A 51 6.09 -26.89 -37.21
CA SER A 51 5.44 -27.73 -38.22
C SER A 51 4.37 -26.88 -38.94
N ASN A 52 3.95 -27.29 -40.13
CA ASN A 52 2.92 -26.51 -40.83
C ASN A 52 1.53 -27.15 -40.54
N ASN A 53 1.35 -27.70 -39.32
CA ASN A 53 0.15 -28.41 -38.89
C ASN A 53 -0.39 -27.76 -37.63
N LEU A 54 -1.60 -27.15 -37.74
CA LEU A 54 -2.25 -26.44 -36.64
C LEU A 54 -2.46 -27.32 -35.40
N GLU A 55 -2.80 -28.60 -35.58
CA GLU A 55 -2.99 -29.54 -34.48
C GLU A 55 -1.67 -29.89 -33.79
N SER A 56 -0.57 -30.05 -34.57
CA SER A 56 0.76 -30.31 -34.00
C SER A 56 1.24 -29.09 -33.21
N GLN A 57 0.95 -27.88 -33.73
CA GLN A 57 1.26 -26.60 -33.12
C GLN A 57 0.49 -26.45 -31.80
N LEU A 58 -0.79 -26.83 -31.78
CA LEU A 58 -1.64 -26.79 -30.60
C LEU A 58 -1.09 -27.73 -29.50
N GLN A 59 -0.76 -28.99 -29.87
CA GLN A 59 -0.22 -29.97 -28.93
C GLN A 59 1.11 -29.49 -28.34
N ALA A 60 1.99 -28.90 -29.17
CA ALA A 60 3.27 -28.37 -28.72
C ALA A 60 3.08 -27.11 -27.83
N THR A 61 2.06 -26.26 -28.11
CA THR A 61 1.78 -25.06 -27.31
C THR A 61 1.29 -25.48 -25.91
N GLN A 62 0.42 -26.49 -25.85
CA GLN A 62 -0.09 -27.04 -24.60
C GLN A 62 1.07 -27.63 -23.77
N ALA A 63 2.00 -28.33 -24.46
CA ALA A 63 3.21 -28.90 -23.86
C ALA A 63 4.07 -27.79 -23.22
N ALA A 64 4.23 -26.63 -23.91
CA ALA A 64 4.97 -25.45 -23.42
C ALA A 64 4.26 -24.85 -22.22
N ARG A 65 2.92 -24.75 -22.29
CA ARG A 65 2.10 -24.23 -21.19
C ARG A 65 2.32 -25.08 -19.93
N LYS A 66 2.33 -26.43 -20.07
CA LYS A 66 2.51 -27.34 -18.94
C LYS A 66 3.92 -27.22 -18.35
N LEU A 67 4.94 -27.03 -19.21
CA LEU A 67 6.33 -26.81 -18.82
C LEU A 67 6.46 -25.50 -18.03
N LEU A 68 5.79 -24.44 -18.52
CA LEU A 68 5.81 -23.12 -17.92
C LEU A 68 4.93 -23.03 -16.66
N SER A 69 4.14 -24.08 -16.38
CA SER A 69 3.22 -24.19 -15.24
C SER A 69 3.76 -25.02 -14.06
N ARG A 70 4.89 -25.75 -14.24
CA ARG A 70 5.48 -26.58 -13.18
C ARG A 70 5.94 -25.70 -12.00
N GLU A 71 5.78 -26.23 -10.77
CA GLU A 71 6.11 -25.53 -9.51
C GLU A 71 7.60 -25.17 -9.39
N LYS A 72 8.50 -26.15 -9.63
CA LYS A 72 9.93 -25.92 -9.49
C LYS A 72 10.62 -25.55 -10.81
N GLN A 73 11.28 -24.38 -10.80
CA GLN A 73 12.10 -23.78 -11.87
C GLN A 73 11.52 -23.96 -13.29
N PRO A 74 10.42 -23.27 -13.68
CA PRO A 74 9.93 -23.41 -15.07
C PRO A 74 10.96 -22.86 -16.06
N PRO A 75 11.23 -23.54 -17.21
CA PRO A 75 12.30 -23.05 -18.11
C PRO A 75 11.86 -21.86 -18.98
N ILE A 76 11.58 -20.71 -18.34
CA ILE A 76 11.12 -19.49 -19.02
C ILE A 76 12.19 -18.97 -20.01
N ASP A 77 13.45 -18.82 -19.54
CA ASP A 77 14.55 -18.31 -20.35
C ASP A 77 14.86 -19.22 -21.55
N ASN A 78 14.73 -20.55 -21.38
CA ASN A 78 14.93 -21.54 -22.43
C ASN A 78 13.86 -21.39 -23.52
N ILE A 79 12.61 -21.14 -23.10
CA ILE A 79 11.48 -20.91 -24.01
C ILE A 79 11.69 -19.57 -24.76
N ILE A 80 12.18 -18.52 -24.06
CA ILE A 80 12.46 -17.22 -24.68
C ILE A 80 13.60 -17.37 -25.72
N ARG A 81 14.72 -18.02 -25.34
CA ARG A 81 15.90 -18.21 -26.21
C ARG A 81 15.57 -19.01 -27.49
N ALA A 82 14.61 -19.96 -27.41
CA ALA A 82 14.16 -20.79 -28.53
C ALA A 82 13.30 -19.97 -29.56
N GLY A 83 13.03 -18.70 -29.25
CA GLY A 83 12.28 -17.77 -30.10
C GLY A 83 10.80 -18.07 -30.18
N LEU A 84 10.21 -18.63 -29.12
CA LEU A 84 8.80 -19.04 -29.13
C LEU A 84 7.78 -17.91 -28.84
N ILE A 85 8.18 -16.79 -28.20
CA ILE A 85 7.25 -15.70 -27.88
C ILE A 85 6.55 -15.15 -29.17
N PRO A 86 7.24 -14.83 -30.30
CA PRO A 86 6.52 -14.35 -31.51
C PRO A 86 5.48 -15.35 -32.05
N LYS A 87 5.77 -16.67 -31.94
CA LYS A 87 4.87 -17.75 -32.37
C LYS A 87 3.61 -17.79 -31.50
N PHE A 88 3.78 -17.71 -30.16
CA PHE A 88 2.66 -17.67 -29.20
C PHE A 88 1.78 -16.45 -29.42
N VAL A 89 2.39 -15.27 -29.72
CA VAL A 89 1.68 -14.02 -29.95
C VAL A 89 0.83 -14.14 -31.25
N SER A 90 1.38 -14.76 -32.32
CA SER A 90 0.61 -14.97 -33.56
C SER A 90 -0.58 -15.94 -33.30
N PHE A 91 -0.38 -16.93 -32.41
CA PHE A 91 -1.43 -17.89 -32.03
C PHE A 91 -2.58 -17.22 -31.25
N LEU A 92 -2.32 -16.04 -30.62
CA LEU A 92 -3.36 -15.28 -29.91
C LEU A 92 -4.44 -14.76 -30.88
N GLY A 93 -4.05 -14.53 -32.14
CA GLY A 93 -4.94 -14.03 -33.18
C GLY A 93 -5.72 -15.09 -33.95
N LYS A 94 -5.52 -16.39 -33.62
CA LYS A 94 -6.19 -17.50 -34.32
C LYS A 94 -7.61 -17.74 -33.76
N THR A 95 -8.55 -16.87 -34.15
CA THR A 95 -9.97 -16.87 -33.74
C THR A 95 -10.65 -18.21 -34.11
N ASP A 96 -10.22 -18.81 -35.24
CA ASP A 96 -10.68 -20.09 -35.78
C ASP A 96 -10.29 -21.29 -34.87
N CYS A 97 -9.23 -21.14 -34.06
CA CYS A 97 -8.76 -22.19 -33.13
C CYS A 97 -8.67 -21.61 -31.71
N SER A 98 -9.80 -21.58 -30.98
CA SER A 98 -9.86 -21.06 -29.60
C SER A 98 -8.93 -21.86 -28.62
N PRO A 99 -8.74 -23.20 -28.71
CA PRO A 99 -7.81 -23.87 -27.77
C PRO A 99 -6.35 -23.38 -27.89
N ILE A 100 -5.85 -23.09 -29.11
CA ILE A 100 -4.47 -22.60 -29.28
C ILE A 100 -4.38 -21.13 -28.74
N GLN A 101 -5.49 -20.37 -28.76
CA GLN A 101 -5.54 -19.01 -28.21
C GLN A 101 -5.33 -19.07 -26.70
N PHE A 102 -6.04 -20.00 -26.04
CA PHE A 102 -5.99 -20.20 -24.59
C PHE A 102 -4.61 -20.70 -24.15
N GLU A 103 -4.07 -21.74 -24.83
CA GLU A 103 -2.76 -22.33 -24.51
C GLU A 103 -1.62 -21.33 -24.66
N SER A 104 -1.66 -20.52 -25.73
CA SER A 104 -0.62 -19.51 -25.97
C SER A 104 -0.79 -18.34 -25.00
N ALA A 105 -2.03 -17.99 -24.62
CA ALA A 105 -2.28 -16.91 -23.65
C ALA A 105 -1.77 -17.32 -22.26
N TRP A 106 -1.96 -18.61 -21.88
CA TRP A 106 -1.53 -19.16 -20.59
C TRP A 106 0.02 -19.21 -20.57
N ALA A 107 0.65 -19.73 -21.66
CA ALA A 107 2.10 -19.80 -21.77
C ALA A 107 2.74 -18.41 -21.60
N LEU A 108 2.20 -17.39 -22.30
CA LEU A 108 2.69 -16.02 -22.24
C LEU A 108 2.43 -15.37 -20.88
N THR A 109 1.32 -15.72 -20.21
CA THR A 109 0.99 -15.19 -18.87
C THR A 109 2.07 -15.63 -17.89
N ASN A 110 2.51 -16.90 -17.98
CA ASN A 110 3.54 -17.50 -17.13
C ASN A 110 4.90 -16.83 -17.39
N ILE A 111 5.21 -16.49 -18.66
CA ILE A 111 6.45 -15.79 -19.00
C ILE A 111 6.39 -14.35 -18.43
N ALA A 112 5.27 -13.62 -18.66
CA ALA A 112 5.03 -12.23 -18.20
C ALA A 112 5.02 -12.09 -16.67
N SER A 113 4.72 -13.18 -15.94
CA SER A 113 4.71 -13.22 -14.47
C SER A 113 6.12 -13.26 -13.86
N GLY A 114 7.13 -13.51 -14.68
CA GLY A 114 8.52 -13.61 -14.25
C GLY A 114 9.20 -12.27 -13.98
N THR A 115 10.50 -12.20 -14.31
CA THR A 115 11.31 -10.98 -14.11
C THR A 115 10.90 -9.88 -15.10
N SER A 116 11.37 -8.64 -14.88
CA SER A 116 11.10 -7.50 -15.76
C SER A 116 11.59 -7.79 -17.18
N GLU A 117 12.76 -8.44 -17.31
CA GLU A 117 13.34 -8.84 -18.59
C GLU A 117 12.45 -9.85 -19.31
N GLN A 118 11.85 -10.76 -18.55
CA GLN A 118 10.93 -11.75 -19.09
C GLN A 118 9.60 -11.12 -19.53
N THR A 119 9.08 -10.20 -18.73
CA THR A 119 7.90 -9.43 -19.11
C THR A 119 8.19 -8.61 -20.36
N LYS A 120 9.37 -8.01 -20.42
CA LYS A 120 9.76 -7.22 -21.58
C LYS A 120 9.77 -8.03 -22.86
N ALA A 121 10.22 -9.27 -22.77
CA ALA A 121 10.25 -10.18 -23.93
C ALA A 121 8.83 -10.40 -24.49
N VAL A 122 7.82 -10.51 -23.58
CA VAL A 122 6.41 -10.68 -23.92
C VAL A 122 5.92 -9.41 -24.64
N VAL A 123 6.19 -8.21 -24.06
CA VAL A 123 5.82 -6.91 -24.62
C VAL A 123 6.52 -6.71 -26.00
N ASP A 124 7.83 -7.02 -26.08
CA ASP A 124 8.61 -6.89 -27.32
C ASP A 124 8.10 -7.80 -28.44
N GLY A 125 7.40 -8.89 -28.08
CA GLY A 125 6.79 -9.80 -29.04
C GLY A 125 5.47 -9.31 -29.60
N GLY A 126 5.03 -8.13 -29.18
CA GLY A 126 3.77 -7.51 -29.60
C GLY A 126 2.53 -8.05 -28.89
N ALA A 127 2.69 -8.64 -27.70
CA ALA A 127 1.60 -9.26 -26.96
C ALA A 127 0.52 -8.29 -26.45
N ILE A 128 0.84 -7.00 -26.19
CA ILE A 128 -0.13 -6.07 -25.59
C ILE A 128 -1.39 -5.91 -26.48
N PRO A 129 -1.32 -5.47 -27.78
CA PRO A 129 -2.56 -5.33 -28.57
C PRO A 129 -3.28 -6.67 -28.80
N ALA A 130 -2.53 -7.77 -28.88
CA ALA A 130 -3.07 -9.11 -29.08
C ALA A 130 -3.90 -9.55 -27.87
N PHE A 131 -3.45 -9.22 -26.63
CA PHE A 131 -4.17 -9.53 -25.39
C PHE A 131 -5.38 -8.63 -25.23
N ILE A 132 -5.30 -7.37 -25.68
CA ILE A 132 -6.42 -6.42 -25.58
C ILE A 132 -7.54 -6.90 -26.51
N SER A 133 -7.20 -7.40 -27.71
CA SER A 133 -8.16 -7.97 -28.67
C SER A 133 -8.87 -9.21 -28.10
N LEU A 134 -8.21 -9.97 -27.22
CA LEU A 134 -8.78 -11.16 -26.59
C LEU A 134 -9.72 -10.85 -25.43
N LEU A 135 -9.77 -9.60 -24.95
CA LEU A 135 -10.69 -9.23 -23.87
C LEU A 135 -12.16 -9.34 -24.34
N ALA A 136 -12.42 -9.16 -25.66
CA ALA A 136 -13.75 -9.24 -26.26
C ALA A 136 -14.14 -10.67 -26.69
N SER A 137 -13.25 -11.68 -26.44
CA SER A 137 -13.45 -13.08 -26.80
C SER A 137 -14.78 -13.64 -26.21
N PRO A 138 -15.54 -14.44 -27.01
CA PRO A 138 -16.77 -15.03 -26.47
C PRO A 138 -16.49 -16.12 -25.42
N HIS A 139 -15.24 -16.63 -25.39
CA HIS A 139 -14.82 -17.67 -24.44
C HIS A 139 -14.30 -17.01 -23.17
N ALA A 140 -15.03 -17.19 -22.06
CA ALA A 140 -14.73 -16.60 -20.75
C ALA A 140 -13.33 -16.98 -20.23
N HIS A 141 -12.88 -18.23 -20.45
CA HIS A 141 -11.57 -18.67 -19.98
C HIS A 141 -10.42 -17.99 -20.76
N ILE A 142 -10.66 -17.59 -22.03
CA ILE A 142 -9.66 -16.90 -22.86
C ILE A 142 -9.58 -15.42 -22.45
N SER A 143 -10.74 -14.74 -22.34
CA SER A 143 -10.87 -13.35 -21.89
C SER A 143 -10.16 -13.16 -20.53
N GLU A 144 -10.37 -14.10 -19.58
CA GLU A 144 -9.77 -14.11 -18.25
C GLU A 144 -8.24 -14.23 -18.32
N GLN A 145 -7.75 -15.08 -19.23
CA GLN A 145 -6.32 -15.28 -19.43
C GLN A 145 -5.68 -13.98 -19.96
N ALA A 146 -6.40 -13.25 -20.83
CA ALA A 146 -5.97 -11.98 -21.39
C ALA A 146 -5.96 -10.91 -20.28
N VAL A 147 -6.95 -10.95 -19.35
CA VAL A 147 -7.03 -10.03 -18.19
C VAL A 147 -5.77 -10.27 -17.32
N TRP A 148 -5.51 -11.55 -16.96
CA TRP A 148 -4.38 -12.00 -16.15
C TRP A 148 -3.03 -11.52 -16.75
N ALA A 149 -2.83 -11.74 -18.05
CA ALA A 149 -1.60 -11.36 -18.76
C ALA A 149 -1.34 -9.85 -18.71
N LEU A 150 -2.40 -9.04 -18.92
CA LEU A 150 -2.30 -7.59 -18.91
C LEU A 150 -1.98 -7.06 -17.50
N GLY A 151 -2.50 -7.73 -16.45
CA GLY A 151 -2.21 -7.38 -15.06
C GLY A 151 -0.73 -7.56 -14.73
N ASN A 152 -0.13 -8.67 -15.23
CA ASN A 152 1.30 -8.99 -15.09
C ASN A 152 2.16 -7.97 -15.83
N ILE A 153 1.76 -7.60 -17.08
CA ILE A 153 2.47 -6.60 -17.88
C ILE A 153 2.37 -5.23 -17.18
N ALA A 154 1.16 -4.77 -16.85
CA ALA A 154 0.97 -3.47 -16.17
C ALA A 154 1.68 -3.42 -14.81
N GLY A 155 1.69 -4.53 -14.10
CA GLY A 155 2.33 -4.62 -12.80
C GLY A 155 3.85 -4.57 -12.79
N ASP A 156 4.47 -4.65 -13.96
CA ASP A 156 5.91 -4.56 -14.04
C ASP A 156 6.44 -3.19 -13.62
N GLY A 157 5.66 -2.14 -13.87
CA GLY A 157 6.06 -0.79 -13.56
C GLY A 157 5.30 0.28 -14.33
N SER A 158 5.61 1.53 -14.02
CA SER A 158 4.98 2.72 -14.59
C SER A 158 4.92 2.74 -16.12
N ALA A 159 6.05 2.46 -16.79
CA ALA A 159 6.16 2.51 -18.25
C ALA A 159 5.26 1.47 -18.93
N PHE A 160 5.29 0.20 -18.47
CA PHE A 160 4.44 -0.84 -19.06
C PHE A 160 2.97 -0.61 -18.69
N ARG A 161 2.69 -0.09 -17.48
CA ARG A 161 1.33 0.23 -17.05
C ARG A 161 0.75 1.28 -18.03
N ASP A 162 1.53 2.35 -18.29
CA ASP A 162 1.13 3.43 -19.18
C ASP A 162 1.06 2.98 -20.62
N LEU A 163 1.88 1.99 -21.03
CA LEU A 163 1.83 1.44 -22.38
C LEU A 163 0.55 0.61 -22.60
N VAL A 164 0.17 -0.15 -21.58
CA VAL A 164 -1.07 -0.95 -21.60
C VAL A 164 -2.29 0.00 -21.75
N ILE A 165 -2.27 1.15 -21.04
CA ILE A 165 -3.30 2.19 -21.08
C ILE A 165 -3.34 2.82 -22.49
N LYS A 166 -2.17 3.15 -23.07
CA LYS A 166 -2.10 3.78 -24.41
C LYS A 166 -2.63 2.83 -25.51
N HIS A 167 -2.47 1.51 -25.33
CA HIS A 167 -2.99 0.52 -26.27
C HIS A 167 -4.54 0.33 -26.11
N GLY A 168 -5.14 1.07 -25.17
CA GLY A 168 -6.58 1.11 -24.92
C GLY A 168 -7.19 -0.04 -24.13
N ALA A 169 -6.48 -0.55 -23.13
CA ALA A 169 -6.99 -1.67 -22.32
C ALA A 169 -8.12 -1.29 -21.38
N ILE A 170 -8.18 -0.03 -20.89
CA ILE A 170 -9.15 0.36 -19.86
C ILE A 170 -10.62 0.16 -20.30
N ASP A 171 -11.04 0.66 -21.48
CA ASP A 171 -12.43 0.51 -21.97
C ASP A 171 -12.87 -0.99 -22.04
N PRO A 172 -12.16 -1.92 -22.73
CA PRO A 172 -12.63 -3.33 -22.73
C PRO A 172 -12.58 -4.00 -21.35
N LEU A 173 -11.65 -3.59 -20.47
CA LEU A 173 -11.57 -4.16 -19.12
C LEU A 173 -12.80 -3.74 -18.30
N LEU A 174 -13.16 -2.44 -18.37
CA LEU A 174 -14.31 -1.89 -17.65
C LEU A 174 -15.64 -2.45 -18.17
N ALA A 175 -15.72 -2.69 -19.50
CA ALA A 175 -16.90 -3.27 -20.17
C ALA A 175 -17.22 -4.67 -19.62
N LEU A 176 -16.19 -5.45 -19.22
CA LEU A 176 -16.37 -6.80 -18.64
C LEU A 176 -17.02 -6.74 -17.26
N LEU A 177 -16.99 -5.57 -16.60
CA LEU A 177 -17.57 -5.34 -15.29
C LEU A 177 -18.87 -4.53 -15.37
N ALA A 178 -19.31 -4.17 -16.60
CA ALA A 178 -20.55 -3.40 -16.81
C ALA A 178 -21.76 -4.35 -16.80
N VAL A 179 -22.04 -4.88 -15.60
CA VAL A 179 -23.14 -5.82 -15.34
C VAL A 179 -24.04 -5.23 -14.23
N PRO A 180 -25.36 -5.52 -14.19
CA PRO A 180 -26.21 -4.96 -13.11
C PRO A 180 -25.79 -5.38 -11.69
N ASP A 181 -25.31 -6.62 -11.53
CA ASP A 181 -24.88 -7.16 -10.24
C ASP A 181 -23.61 -8.01 -10.43
N LEU A 182 -22.52 -7.59 -9.75
CA LEU A 182 -21.20 -8.24 -9.77
C LEU A 182 -21.25 -9.72 -9.32
N SER A 183 -22.28 -10.10 -8.52
CA SER A 183 -22.48 -11.46 -8.02
C SER A 183 -22.79 -12.50 -9.11
N THR A 184 -23.22 -12.05 -10.32
CA THR A 184 -23.51 -12.95 -11.45
C THR A 184 -22.22 -13.44 -12.12
N LEU A 185 -21.12 -12.68 -11.96
CA LEU A 185 -19.82 -13.02 -12.55
C LEU A 185 -19.17 -14.16 -11.78
N ALA A 186 -18.39 -15.00 -12.46
CA ALA A 186 -17.63 -16.07 -11.81
C ALA A 186 -16.61 -15.45 -10.85
N CYS A 187 -16.48 -16.03 -9.64
CA CYS A 187 -15.63 -15.58 -8.55
C CYS A 187 -14.17 -15.29 -8.99
N GLY A 188 -13.50 -16.29 -9.56
CA GLY A 188 -12.12 -16.18 -10.03
C GLY A 188 -11.93 -15.12 -11.09
N TYR A 189 -12.92 -14.98 -11.99
CA TYR A 189 -12.98 -14.01 -13.09
C TYR A 189 -13.02 -12.56 -12.55
N LEU A 190 -13.87 -12.31 -11.54
CA LEU A 190 -14.01 -11.01 -10.88
C LEU A 190 -12.74 -10.64 -10.11
N ARG A 191 -12.16 -11.63 -9.38
CA ARG A 191 -10.92 -11.49 -8.63
C ARG A 191 -9.75 -11.07 -9.54
N ASN A 192 -9.63 -11.71 -10.71
CA ASN A 192 -8.60 -11.40 -11.69
C ASN A 192 -8.78 -10.01 -12.29
N LEU A 193 -10.04 -9.59 -12.54
CA LEU A 193 -10.32 -8.27 -13.11
C LEU A 193 -9.96 -7.17 -12.12
N THR A 194 -10.33 -7.37 -10.82
CA THR A 194 -10.04 -6.43 -9.73
C THR A 194 -8.52 -6.28 -9.57
N TRP A 195 -7.81 -7.42 -9.55
CA TRP A 195 -6.35 -7.44 -9.42
C TRP A 195 -5.68 -6.68 -10.57
N THR A 196 -6.10 -6.92 -11.83
CA THR A 196 -5.53 -6.25 -13.01
C THR A 196 -5.81 -4.73 -12.95
N LEU A 197 -7.02 -4.32 -12.53
CA LEU A 197 -7.34 -2.89 -12.39
C LEU A 197 -6.48 -2.22 -11.33
N SER A 198 -6.18 -2.94 -10.21
CA SER A 198 -5.32 -2.43 -9.12
C SER A 198 -3.88 -2.21 -9.62
N ASN A 199 -3.39 -3.01 -10.59
CA ASN A 199 -2.04 -2.82 -11.14
C ASN A 199 -1.99 -1.61 -12.07
N LEU A 200 -3.16 -1.22 -12.64
CA LEU A 200 -3.24 -0.01 -13.47
C LEU A 200 -3.27 1.24 -12.59
N CYS A 201 -3.55 1.06 -11.28
CA CYS A 201 -3.58 2.14 -10.28
C CYS A 201 -2.25 2.23 -9.55
N ARG A 202 -1.43 1.17 -9.65
CA ARG A 202 -0.16 1.01 -8.97
C ARG A 202 1.00 1.78 -9.61
N ASN A 203 2.04 2.03 -8.79
CA ASN A 203 3.34 2.63 -9.08
C ASN A 203 3.31 4.14 -9.21
N LYS A 204 4.48 4.74 -9.00
CA LYS A 204 4.70 6.18 -9.00
C LYS A 204 5.90 6.51 -9.90
N ASN A 205 6.25 7.80 -9.97
CA ASN A 205 7.33 8.33 -10.81
C ASN A 205 7.22 7.81 -12.28
N PRO A 206 6.12 8.14 -13.01
CA PRO A 206 4.97 8.96 -12.59
C PRO A 206 3.83 8.11 -12.03
N ALA A 207 2.88 8.79 -11.37
CA ALA A 207 1.64 8.17 -10.91
C ALA A 207 0.77 7.88 -12.15
N PRO A 208 -0.29 7.02 -12.13
CA PRO A 208 -1.05 6.77 -13.37
C PRO A 208 -1.67 8.04 -13.97
N PRO A 209 -1.96 8.08 -15.30
CA PRO A 209 -2.53 9.30 -15.90
C PRO A 209 -3.86 9.67 -15.25
N LEU A 210 -4.06 10.98 -15.02
CA LEU A 210 -5.24 11.53 -14.34
C LEU A 210 -6.55 11.04 -14.96
N ASP A 211 -6.68 11.09 -16.30
CA ASP A 211 -7.89 10.66 -17.00
C ASP A 211 -8.14 9.15 -16.88
N ALA A 212 -7.06 8.33 -16.82
CA ALA A 212 -7.14 6.87 -16.62
C ALA A 212 -7.70 6.57 -15.22
N VAL A 213 -7.24 7.33 -14.21
CA VAL A 213 -7.66 7.23 -12.80
C VAL A 213 -9.15 7.61 -12.72
N GLU A 214 -9.54 8.72 -13.39
CA GLU A 214 -10.93 9.19 -13.39
C GLU A 214 -11.86 8.16 -14.03
N GLN A 215 -11.40 7.48 -15.09
CA GLN A 215 -12.15 6.47 -15.82
C GLN A 215 -12.38 5.20 -14.99
N ILE A 216 -11.36 4.73 -14.26
CA ILE A 216 -11.38 3.52 -13.44
C ILE A 216 -12.14 3.71 -12.12
N LEU A 217 -11.96 4.87 -11.43
CA LEU A 217 -12.53 5.13 -10.11
C LEU A 217 -14.01 4.71 -9.92
N PRO A 218 -15.02 5.02 -10.80
CA PRO A 218 -16.41 4.56 -10.52
C PRO A 218 -16.55 3.04 -10.39
N THR A 219 -15.78 2.24 -11.16
CA THR A 219 -15.80 0.77 -11.10
C THR A 219 -15.12 0.32 -9.78
N LEU A 220 -14.04 0.99 -9.40
CA LEU A 220 -13.31 0.72 -8.16
C LEU A 220 -14.20 0.94 -6.92
N VAL A 221 -15.02 2.02 -6.92
CA VAL A 221 -15.94 2.35 -5.82
C VAL A 221 -16.97 1.19 -5.69
N ARG A 222 -17.45 0.69 -6.84
CA ARG A 222 -18.40 -0.41 -6.91
C ARG A 222 -17.79 -1.74 -6.38
N LEU A 223 -16.53 -2.04 -6.75
CA LEU A 223 -15.82 -3.24 -6.31
C LEU A 223 -15.55 -3.20 -4.78
N LEU A 224 -15.37 -1.99 -4.23
CA LEU A 224 -15.16 -1.74 -2.80
C LEU A 224 -16.41 -2.08 -1.96
N HIS A 225 -17.60 -2.18 -2.62
CA HIS A 225 -18.86 -2.53 -1.95
C HIS A 225 -19.25 -3.99 -2.23
N HIS A 226 -18.38 -4.76 -2.93
CA HIS A 226 -18.61 -6.19 -3.22
C HIS A 226 -18.41 -7.02 -1.92
N ASN A 227 -18.92 -8.25 -1.87
CA ASN A 227 -18.84 -9.04 -0.63
C ASN A 227 -17.67 -10.07 -0.61
N ASP A 228 -16.93 -10.25 -1.71
CA ASP A 228 -15.82 -11.22 -1.74
C ASP A 228 -14.57 -10.61 -1.05
N PRO A 229 -13.96 -11.33 -0.08
CA PRO A 229 -12.80 -10.75 0.64
C PRO A 229 -11.59 -10.46 -0.25
N GLU A 230 -11.33 -11.30 -1.29
CA GLU A 230 -10.21 -11.08 -2.20
C GLU A 230 -10.43 -9.83 -3.09
N VAL A 231 -11.68 -9.60 -3.54
CA VAL A 231 -12.06 -8.43 -4.34
C VAL A 231 -11.90 -7.17 -3.46
N LEU A 232 -12.39 -7.25 -2.20
CA LEU A 232 -12.29 -6.17 -1.22
C LEU A 232 -10.84 -5.81 -0.92
N ALA A 233 -9.97 -6.82 -0.70
CA ALA A 233 -8.53 -6.61 -0.44
C ALA A 233 -7.85 -5.86 -1.61
N ASP A 234 -8.05 -6.36 -2.86
CA ASP A 234 -7.42 -5.76 -4.04
C ASP A 234 -8.02 -4.39 -4.40
N SER A 235 -9.31 -4.15 -4.09
CA SER A 235 -9.94 -2.84 -4.32
C SER A 235 -9.33 -1.82 -3.36
N CYS A 236 -9.06 -2.24 -2.09
CA CYS A 236 -8.42 -1.43 -1.06
C CYS A 236 -6.99 -1.13 -1.44
N TRP A 237 -6.27 -2.12 -2.01
CA TRP A 237 -4.90 -1.93 -2.48
C TRP A 237 -4.88 -0.87 -3.59
N ALA A 238 -5.83 -0.95 -4.55
CA ALA A 238 -5.97 0.03 -5.64
C ALA A 238 -6.18 1.44 -5.07
N ILE A 239 -7.04 1.57 -4.04
CA ILE A 239 -7.33 2.83 -3.38
C ILE A 239 -6.08 3.34 -2.61
N SER A 240 -5.33 2.44 -1.94
CA SER A 240 -4.10 2.82 -1.25
C SER A 240 -3.04 3.38 -2.24
N TYR A 241 -2.96 2.82 -3.46
CA TYR A 241 -2.02 3.31 -4.47
C TYR A 241 -2.43 4.71 -4.96
N LEU A 242 -3.72 4.92 -5.20
CA LEU A 242 -4.24 6.19 -5.73
C LEU A 242 -4.16 7.34 -4.72
N THR A 243 -4.17 7.03 -3.41
CA THR A 243 -4.12 8.03 -2.34
C THR A 243 -2.68 8.28 -1.87
N ASP A 244 -1.70 7.51 -2.39
CA ASP A 244 -0.30 7.67 -2.07
C ASP A 244 0.32 8.70 -3.05
N GLY A 245 0.05 9.97 -2.80
CA GLY A 245 0.55 11.05 -3.64
C GLY A 245 0.13 12.43 -3.17
N PRO A 246 0.19 13.46 -4.07
CA PRO A 246 -0.22 14.82 -3.65
C PRO A 246 -1.71 14.92 -3.27
N ASN A 247 -2.10 16.04 -2.64
CA ASN A 247 -3.47 16.28 -2.16
C ASN A 247 -4.51 16.20 -3.29
N GLU A 248 -4.14 16.57 -4.52
CA GLU A 248 -4.98 16.52 -5.73
C GLU A 248 -5.38 15.07 -6.02
N ARG A 249 -4.44 14.13 -5.84
CA ARG A 249 -4.65 12.69 -6.02
C ARG A 249 -5.60 12.13 -4.97
N ILE A 250 -5.38 12.51 -3.68
CA ILE A 250 -6.23 12.11 -2.55
C ILE A 250 -7.68 12.64 -2.78
N GLU A 251 -7.80 13.92 -3.26
CA GLU A 251 -9.08 14.59 -3.52
C GLU A 251 -9.95 13.82 -4.51
N MET A 252 -9.38 13.36 -5.64
CA MET A 252 -10.06 12.54 -6.65
C MET A 252 -10.77 11.35 -6.03
N VAL A 253 -10.13 10.70 -5.06
CA VAL A 253 -10.64 9.51 -4.37
C VAL A 253 -11.69 9.91 -3.31
N VAL A 254 -11.36 10.86 -2.42
CA VAL A 254 -12.22 11.31 -1.30
C VAL A 254 -13.56 11.90 -1.82
N LYS A 255 -13.54 12.58 -2.98
CA LYS A 255 -14.73 13.18 -3.63
C LYS A 255 -15.73 12.09 -4.09
N LYS A 256 -15.26 10.85 -4.30
CA LYS A 256 -16.11 9.72 -4.71
C LYS A 256 -16.88 9.10 -3.51
N GLY A 257 -16.70 9.67 -2.31
CA GLY A 257 -17.37 9.26 -1.08
C GLY A 257 -17.02 7.89 -0.53
N VAL A 258 -15.80 7.39 -0.79
CA VAL A 258 -15.35 6.05 -0.37
C VAL A 258 -14.89 5.97 1.10
N VAL A 259 -14.54 7.11 1.73
CA VAL A 259 -13.99 7.16 3.10
C VAL A 259 -14.89 6.35 4.09
N PRO A 260 -16.24 6.49 4.15
CA PRO A 260 -17.02 5.65 5.09
C PRO A 260 -16.90 4.15 4.81
N GLN A 261 -16.83 3.73 3.52
CA GLN A 261 -16.67 2.31 3.16
C GLN A 261 -15.27 1.84 3.57
N LEU A 262 -14.23 2.70 3.45
CA LEU A 262 -12.86 2.32 3.87
C LEU A 262 -12.75 2.13 5.40
N VAL A 263 -13.48 2.95 6.18
CA VAL A 263 -13.52 2.87 7.64
C VAL A 263 -14.23 1.57 8.07
N LYS A 264 -15.29 1.18 7.33
CA LYS A 264 -16.03 -0.06 7.56
C LYS A 264 -15.09 -1.27 7.37
N LEU A 265 -14.29 -1.25 6.29
CA LEU A 265 -13.32 -2.30 5.96
C LEU A 265 -12.13 -2.29 6.94
N LEU A 266 -11.83 -1.12 7.55
CA LEU A 266 -10.79 -0.96 8.58
C LEU A 266 -11.16 -1.79 9.82
N GLY A 267 -12.45 -2.02 10.02
CA GLY A 267 -12.99 -2.86 11.09
C GLY A 267 -13.19 -4.32 10.71
N ALA A 268 -12.78 -4.75 9.50
CA ALA A 268 -12.93 -6.15 9.03
C ALA A 268 -12.10 -7.14 9.87
N THR A 269 -12.48 -8.43 9.87
CA THR A 269 -11.76 -9.44 10.65
C THR A 269 -10.59 -9.99 9.84
N GLU A 270 -10.68 -9.92 8.51
CA GLU A 270 -9.64 -10.41 7.61
C GLU A 270 -8.49 -9.41 7.53
N LEU A 271 -7.29 -9.86 7.95
CA LEU A 271 -6.03 -9.11 7.90
C LEU A 271 -5.70 -8.67 6.44
N PRO A 272 -5.95 -9.48 5.37
CA PRO A 272 -5.66 -8.98 4.00
C PRO A 272 -6.55 -7.81 3.57
N ILE A 273 -7.66 -7.54 4.29
CA ILE A 273 -8.54 -6.40 4.01
C ILE A 273 -8.11 -5.19 4.86
N VAL A 274 -7.86 -5.41 6.18
CA VAL A 274 -7.47 -4.36 7.14
C VAL A 274 -6.15 -3.68 6.70
N THR A 275 -5.14 -4.48 6.27
CA THR A 275 -3.83 -3.97 5.87
C THR A 275 -3.98 -2.86 4.77
N PRO A 276 -4.56 -3.10 3.56
CA PRO A 276 -4.68 -2.00 2.57
C PRO A 276 -5.70 -0.94 2.97
N ALA A 277 -6.75 -1.29 3.74
CA ALA A 277 -7.75 -0.30 4.21
C ALA A 277 -7.07 0.73 5.12
N LEU A 278 -6.17 0.27 6.04
CA LEU A 278 -5.41 1.15 6.93
C LEU A 278 -4.39 1.99 6.15
N ARG A 279 -3.73 1.39 5.16
CA ARG A 279 -2.78 2.10 4.29
C ARG A 279 -3.49 3.26 3.58
N ALA A 280 -4.70 3.00 3.02
CA ALA A 280 -5.51 4.01 2.31
C ALA A 280 -5.92 5.14 3.25
N ILE A 281 -6.38 4.81 4.47
CA ILE A 281 -6.79 5.80 5.49
C ILE A 281 -5.58 6.63 5.93
N GLY A 282 -4.45 5.95 6.16
CA GLY A 282 -3.18 6.55 6.53
C GLY A 282 -2.70 7.52 5.47
N ASN A 283 -2.88 7.17 4.19
CA ASN A 283 -2.52 8.02 3.05
C ASN A 283 -3.42 9.26 2.96
N ILE A 284 -4.74 9.09 3.17
CA ILE A 284 -5.71 10.20 3.10
C ILE A 284 -5.39 11.28 4.18
N VAL A 285 -4.97 10.85 5.40
CA VAL A 285 -4.67 11.78 6.52
C VAL A 285 -3.29 12.48 6.33
N THR A 286 -2.54 12.17 5.24
CA THR A 286 -1.30 12.90 4.91
C THR A 286 -1.67 14.17 4.12
N GLY A 287 -2.95 14.24 3.67
CA GLY A 287 -3.50 15.34 2.90
C GLY A 287 -3.84 16.57 3.69
N THR A 288 -4.88 17.30 3.26
CA THR A 288 -5.32 18.55 3.91
C THR A 288 -6.04 18.25 5.23
N ASP A 289 -6.27 19.31 6.03
CA ASP A 289 -7.00 19.20 7.29
C ASP A 289 -8.44 18.77 7.01
N GLU A 290 -8.99 19.23 5.87
CA GLU A 290 -10.34 18.94 5.38
C GLU A 290 -10.47 17.46 4.96
N GLN A 291 -9.44 16.90 4.29
CA GLN A 291 -9.42 15.49 3.88
C GLN A 291 -9.29 14.61 5.12
N THR A 292 -8.47 15.05 6.11
CA THR A 292 -8.26 14.36 7.40
C THR A 292 -9.59 14.35 8.18
N GLN A 293 -10.38 15.44 8.10
CA GLN A 293 -11.66 15.56 8.80
C GLN A 293 -12.68 14.52 8.32
N LYS A 294 -12.69 14.22 7.02
CA LYS A 294 -13.58 13.21 6.42
C LYS A 294 -13.33 11.83 7.04
N VAL A 295 -12.06 11.52 7.37
CA VAL A 295 -11.67 10.27 8.01
C VAL A 295 -12.27 10.22 9.44
N ILE A 296 -12.13 11.33 10.21
CA ILE A 296 -12.66 11.45 11.57
C ILE A 296 -14.22 11.38 11.55
N ASP A 297 -14.87 12.15 10.65
CA ASP A 297 -16.34 12.21 10.48
C ASP A 297 -16.94 10.83 10.18
N ALA A 298 -16.21 9.99 9.43
CA ALA A 298 -16.64 8.63 9.08
C ALA A 298 -16.51 7.64 10.28
N GLY A 299 -15.97 8.12 11.40
CA GLY A 299 -15.80 7.36 12.64
C GLY A 299 -14.60 6.44 12.72
N ALA A 300 -13.49 6.79 12.04
CA ALA A 300 -12.27 5.96 12.01
C ALA A 300 -11.59 5.84 13.37
N LEU A 301 -11.59 6.90 14.21
CA LEU A 301 -10.91 6.90 15.51
C LEU A 301 -11.44 5.83 16.48
N ALA A 302 -12.71 5.39 16.31
CA ALA A 302 -13.32 4.37 17.17
C ALA A 302 -12.70 2.96 16.93
N VAL A 303 -11.96 2.77 15.82
CA VAL A 303 -11.30 1.52 15.45
C VAL A 303 -9.87 1.47 16.05
N PHE A 304 -9.29 2.63 16.38
CA PHE A 304 -7.89 2.76 16.83
C PHE A 304 -7.56 2.09 18.18
N PRO A 305 -8.44 1.94 19.20
CA PRO A 305 -8.03 1.13 20.38
C PRO A 305 -7.59 -0.29 19.99
N SER A 306 -8.27 -0.93 19.02
CA SER A 306 -7.89 -2.28 18.59
C SER A 306 -6.69 -2.25 17.62
N LEU A 307 -6.62 -1.25 16.72
CA LEU A 307 -5.50 -1.15 15.78
C LEU A 307 -4.18 -0.87 16.49
N LEU A 308 -4.22 0.00 17.52
CA LEU A 308 -3.02 0.36 18.29
C LEU A 308 -2.56 -0.76 19.26
N THR A 309 -3.36 -1.84 19.41
CA THR A 309 -3.02 -2.99 20.23
C THR A 309 -3.03 -4.28 19.38
N ASN A 310 -3.11 -4.13 18.03
CA ASN A 310 -3.19 -5.26 17.10
C ASN A 310 -1.97 -6.22 17.22
N PRO A 311 -2.19 -7.56 17.25
CA PRO A 311 -1.04 -8.48 17.36
C PRO A 311 -0.07 -8.43 16.17
N LYS A 312 -0.48 -7.89 15.00
CA LYS A 312 0.41 -7.73 13.83
C LYS A 312 1.17 -6.42 13.97
N THR A 313 2.51 -6.48 14.10
CA THR A 313 3.36 -5.30 14.30
C THR A 313 3.18 -4.26 13.21
N ASN A 314 3.03 -4.69 11.94
CA ASN A 314 2.85 -3.76 10.82
C ASN A 314 1.52 -2.97 10.93
N ILE A 315 0.46 -3.58 11.48
CA ILE A 315 -0.83 -2.88 11.70
C ILE A 315 -0.63 -1.83 12.79
N GLN A 316 0.02 -2.20 13.93
CA GLN A 316 0.29 -1.26 15.03
C GLN A 316 1.14 -0.09 14.57
N LYS A 317 2.17 -0.38 13.75
CA LYS A 317 3.10 0.60 13.20
C LYS A 317 2.37 1.62 12.31
N GLU A 318 1.58 1.13 11.33
CA GLU A 318 0.87 1.99 10.37
C GLU A 318 -0.30 2.70 11.02
N ALA A 319 -0.91 2.09 12.07
CA ALA A 319 -1.97 2.75 12.83
C ALA A 319 -1.38 3.94 13.63
N THR A 320 -0.16 3.77 14.17
CA THR A 320 0.51 4.81 14.95
C THR A 320 0.98 5.94 14.01
N TRP A 321 1.40 5.58 12.79
CA TRP A 321 1.78 6.56 11.76
C TRP A 321 0.54 7.39 11.37
N THR A 322 -0.62 6.73 11.20
CA THR A 322 -1.90 7.37 10.89
C THR A 322 -2.25 8.37 12.00
N MET A 323 -2.11 7.94 13.27
CA MET A 323 -2.36 8.75 14.47
C MET A 323 -1.48 9.99 14.48
N SER A 324 -0.17 9.84 14.13
CA SER A 324 0.81 10.92 14.07
C SER A 324 0.39 12.01 13.08
N ASN A 325 -0.21 11.63 11.94
CA ASN A 325 -0.67 12.58 10.94
C ASN A 325 -1.98 13.27 11.34
N ILE A 326 -2.77 12.62 12.22
CA ILE A 326 -4.00 13.23 12.75
C ILE A 326 -3.59 14.23 13.86
N THR A 327 -2.56 13.91 14.70
CA THR A 327 -2.10 14.82 15.76
C THR A 327 -1.32 16.00 15.15
N ALA A 328 -0.98 15.90 13.86
CA ALA A 328 -0.32 16.95 13.06
C ALA A 328 -1.38 17.91 12.49
N GLY A 329 -2.65 17.67 12.81
CA GLY A 329 -3.75 18.49 12.32
C GLY A 329 -4.17 19.61 13.25
N ARG A 330 -5.40 20.09 13.06
CA ARG A 330 -6.04 21.18 13.82
C ARG A 330 -6.22 20.80 15.29
N GLN A 331 -6.36 21.80 16.17
CA GLN A 331 -6.59 21.62 17.60
C GLN A 331 -7.90 20.88 17.86
N ASP A 332 -8.96 21.12 17.04
CA ASP A 332 -10.24 20.41 17.15
C ASP A 332 -10.06 18.92 16.76
N GLN A 333 -9.07 18.61 15.91
CA GLN A 333 -8.79 17.23 15.50
C GLN A 333 -8.00 16.52 16.59
N ILE A 334 -7.04 17.24 17.23
CA ILE A 334 -6.29 16.75 18.38
C ILE A 334 -7.33 16.46 19.50
N GLN A 335 -8.35 17.36 19.65
CA GLN A 335 -9.41 17.19 20.65
C GLN A 335 -10.23 15.89 20.42
N GLN A 336 -10.48 15.50 19.14
CA GLN A 336 -11.21 14.27 18.78
C GLN A 336 -10.42 13.02 19.22
N VAL A 337 -9.08 13.07 19.10
CA VAL A 337 -8.15 12.01 19.54
C VAL A 337 -8.32 11.83 21.06
N VAL A 338 -8.33 12.97 21.80
CA VAL A 338 -8.52 13.02 23.25
C VAL A 338 -9.87 12.39 23.64
N ASN A 339 -10.99 12.89 23.04
CA ASN A 339 -12.37 12.47 23.31
C ASN A 339 -12.60 10.98 23.04
N HIS A 340 -11.90 10.41 22.06
CA HIS A 340 -12.00 9.00 21.72
C HIS A 340 -11.14 8.10 22.67
N GLY A 341 -10.52 8.70 23.69
CA GLY A 341 -9.66 8.03 24.67
C GLY A 341 -8.41 7.43 24.06
N LEU A 342 -7.87 8.06 23.00
CA LEU A 342 -6.72 7.52 22.29
C LEU A 342 -5.35 7.94 22.82
N VAL A 343 -5.27 8.97 23.70
CA VAL A 343 -3.99 9.40 24.30
C VAL A 343 -3.43 8.23 25.20
N PRO A 344 -4.23 7.56 26.10
CA PRO A 344 -3.67 6.41 26.83
C PRO A 344 -3.14 5.30 25.91
N PHE A 345 -3.73 5.14 24.71
CA PHE A 345 -3.29 4.15 23.71
C PHE A 345 -1.94 4.57 23.11
N LEU A 346 -1.71 5.90 22.98
CA LEU A 346 -0.43 6.42 22.50
C LEU A 346 0.65 6.26 23.59
N VAL A 347 0.27 6.45 24.88
CA VAL A 347 1.16 6.20 26.03
C VAL A 347 1.59 4.71 25.99
N GLY A 348 0.61 3.84 25.71
CA GLY A 348 0.80 2.39 25.58
C GLY A 348 1.84 1.99 24.55
N VAL A 349 1.68 2.43 23.28
CA VAL A 349 2.63 2.10 22.19
C VAL A 349 4.02 2.71 22.44
N LEU A 350 4.08 3.89 23.08
CA LEU A 350 5.35 4.53 23.41
C LEU A 350 6.09 3.70 24.52
N SER A 351 5.32 3.12 25.45
CA SER A 351 5.85 2.33 26.56
C SER A 351 6.39 0.98 26.11
N LYS A 352 5.63 0.28 25.25
CA LYS A 352 5.97 -1.06 24.78
C LYS A 352 5.32 -1.30 23.43
N ALA A 353 6.18 -1.61 22.46
CA ALA A 353 5.87 -1.90 21.05
C ALA A 353 7.17 -2.19 20.35
N ASP A 354 7.12 -2.66 19.10
CA ASP A 354 8.34 -2.83 18.30
C ASP A 354 8.92 -1.42 18.09
N PHE A 355 10.25 -1.28 18.01
CA PHE A 355 10.93 0.02 17.89
C PHE A 355 10.35 0.93 16.79
N LYS A 356 9.99 0.37 15.63
CA LYS A 356 9.43 1.13 14.50
C LYS A 356 8.11 1.83 14.89
N THR A 357 7.26 1.14 15.67
CA THR A 357 5.98 1.66 16.18
C THR A 357 6.25 2.74 17.24
N GLN A 358 7.28 2.52 18.10
CA GLN A 358 7.69 3.47 19.15
C GLN A 358 8.20 4.77 18.53
N LYS A 359 8.92 4.70 17.39
CA LYS A 359 9.42 5.88 16.67
C LYS A 359 8.23 6.70 16.14
N GLU A 360 7.19 6.02 15.63
CA GLU A 360 5.96 6.65 15.12
C GLU A 360 5.15 7.26 16.27
N ALA A 361 5.22 6.63 17.47
CA ALA A 361 4.53 7.12 18.67
C ALA A 361 5.21 8.40 19.14
N ALA A 362 6.56 8.44 19.07
CA ALA A 362 7.36 9.62 19.40
C ALA A 362 6.95 10.78 18.49
N TRP A 363 6.78 10.49 17.17
CA TRP A 363 6.31 11.46 16.16
C TRP A 363 4.90 11.96 16.49
N ALA A 364 3.97 11.05 16.87
CA ALA A 364 2.60 11.38 17.24
C ALA A 364 2.55 12.36 18.42
N ILE A 365 3.45 12.17 19.42
CA ILE A 365 3.54 13.01 20.62
C ILE A 365 4.10 14.40 20.26
N THR A 366 5.19 14.45 19.45
CA THR A 366 5.80 15.72 19.02
C THR A 366 4.81 16.53 18.17
N ASN A 367 4.04 15.86 17.30
CA ASN A 367 3.03 16.55 16.46
C ASN A 367 1.91 17.13 17.34
N TYR A 368 1.43 16.34 18.32
CA TYR A 368 0.42 16.72 19.30
C TYR A 368 0.88 17.94 20.12
N THR A 369 2.13 17.92 20.64
CA THR A 369 2.68 18.99 21.48
C THR A 369 2.99 20.26 20.67
N SER A 370 3.27 20.12 19.36
CA SER A 370 3.54 21.27 18.47
C SER A 370 2.27 22.07 18.17
N GLY A 371 1.17 21.37 17.90
CA GLY A 371 -0.10 21.99 17.53
C GLY A 371 -1.17 22.07 18.60
N GLY A 372 -1.00 21.36 19.70
CA GLY A 372 -1.98 21.33 20.78
C GLY A 372 -2.05 22.56 21.64
N THR A 373 -3.19 22.74 22.33
CA THR A 373 -3.41 23.80 23.32
C THR A 373 -2.67 23.41 24.61
N VAL A 374 -2.52 24.35 25.55
CA VAL A 374 -1.89 24.10 26.85
C VAL A 374 -2.65 22.97 27.58
N GLU A 375 -3.99 23.05 27.64
CA GLU A 375 -4.89 22.08 28.28
C GLU A 375 -4.67 20.67 27.70
N GLN A 376 -4.56 20.57 26.37
CA GLN A 376 -4.33 19.30 25.66
C GLN A 376 -2.94 18.73 26.02
N ILE A 377 -1.89 19.60 26.08
CA ILE A 377 -0.52 19.19 26.44
C ILE A 377 -0.48 18.77 27.94
N VAL A 378 -1.20 19.50 28.82
CA VAL A 378 -1.33 19.21 30.26
C VAL A 378 -1.93 17.80 30.44
N TYR A 379 -2.99 17.49 29.66
CA TYR A 379 -3.70 16.21 29.65
C TYR A 379 -2.76 15.03 29.27
N LEU A 380 -1.86 15.27 28.29
CA LEU A 380 -0.87 14.30 27.81
C LEU A 380 0.09 13.88 28.96
N VAL A 381 0.57 14.86 29.76
CA VAL A 381 1.47 14.64 30.91
C VAL A 381 0.71 13.85 32.00
N HIS A 382 -0.56 14.22 32.27
CA HIS A 382 -1.42 13.55 33.25
C HIS A 382 -1.69 12.07 32.86
N CYS A 383 -1.64 11.74 31.56
CA CYS A 383 -1.84 10.36 31.09
C CYS A 383 -0.56 9.51 31.22
N GLY A 384 0.53 10.14 31.67
CA GLY A 384 1.81 9.48 31.90
C GLY A 384 2.73 9.41 30.70
N ILE A 385 2.79 10.46 29.86
CA ILE A 385 3.64 10.45 28.68
C ILE A 385 5.16 10.60 29.01
N ILE A 386 5.53 11.32 30.09
CA ILE A 386 6.92 11.67 30.44
C ILE A 386 7.83 10.43 30.60
N GLU A 387 7.49 9.48 31.51
CA GLU A 387 8.34 8.31 31.76
C GLU A 387 8.62 7.50 30.46
N PRO A 388 7.64 7.04 29.63
CA PRO A 388 8.01 6.28 28.43
C PRO A 388 8.75 7.13 27.38
N LEU A 389 8.52 8.46 27.36
CA LEU A 389 9.20 9.39 26.45
C LEU A 389 10.68 9.50 26.82
N MET A 390 10.98 9.52 28.14
CA MET A 390 12.34 9.57 28.67
C MET A 390 13.08 8.25 28.46
N ASN A 391 12.42 7.09 28.70
CA ASN A 391 13.03 5.77 28.53
C ASN A 391 13.54 5.54 27.10
N LEU A 392 12.87 6.15 26.11
CA LEU A 392 13.23 6.04 24.70
C LEU A 392 14.45 6.90 24.31
N LEU A 393 14.95 7.75 25.24
CA LEU A 393 16.14 8.57 24.97
C LEU A 393 17.43 7.71 24.99
N SER A 394 17.32 6.45 25.46
CA SER A 394 18.40 5.45 25.52
C SER A 394 18.63 4.77 24.16
N ALA A 395 17.66 4.91 23.24
CA ALA A 395 17.69 4.27 21.90
C ALA A 395 18.84 4.78 21.05
N LYS A 396 19.46 3.87 20.27
CA LYS A 396 20.56 4.19 19.37
C LYS A 396 19.99 4.49 17.98
N ASP A 397 19.29 5.63 17.88
CA ASP A 397 18.64 6.17 16.69
C ASP A 397 18.58 7.68 16.87
N THR A 398 19.38 8.42 16.09
CA THR A 398 19.50 9.88 16.19
C THR A 398 18.17 10.59 15.89
N LYS A 399 17.38 10.07 14.93
CA LYS A 399 16.08 10.64 14.53
C LYS A 399 15.06 10.62 15.69
N ILE A 400 14.93 9.49 16.43
CA ILE A 400 13.97 9.40 17.53
C ILE A 400 14.37 10.36 18.68
N ILE A 401 15.68 10.52 18.96
CA ILE A 401 16.22 11.40 20.01
C ILE A 401 15.85 12.86 19.70
N GLN A 402 16.06 13.31 18.44
CA GLN A 402 15.71 14.65 17.95
C GLN A 402 14.21 14.94 18.16
N VAL A 403 13.35 13.98 17.78
CA VAL A 403 11.89 14.05 17.87
C VAL A 403 11.44 14.14 19.34
N ILE A 404 12.02 13.30 20.24
CA ILE A 404 11.68 13.31 21.67
C ILE A 404 12.14 14.64 22.32
N LEU A 405 13.38 15.09 22.03
CA LEU A 405 13.93 16.35 22.57
C LEU A 405 13.04 17.54 22.19
N ASP A 406 12.47 17.53 20.95
CA ASP A 406 11.54 18.55 20.46
C ASP A 406 10.25 18.53 21.29
N ALA A 407 9.71 17.32 21.57
CA ALA A 407 8.50 17.13 22.38
C ALA A 407 8.70 17.66 23.82
N ILE A 408 9.89 17.43 24.42
CA ILE A 408 10.26 17.90 25.77
C ILE A 408 10.22 19.44 25.80
N SER A 409 10.81 20.09 24.77
CA SER A 409 10.84 21.55 24.63
C SER A 409 9.42 22.12 24.57
N ASN A 410 8.54 21.51 23.75
CA ASN A 410 7.14 21.91 23.59
C ASN A 410 6.32 21.74 24.87
N ILE A 411 6.58 20.67 25.65
CA ILE A 411 5.89 20.41 26.93
C ILE A 411 6.35 21.47 27.96
N PHE A 412 7.65 21.83 27.95
CA PHE A 412 8.21 22.86 28.82
C PHE A 412 7.64 24.24 28.48
N GLN A 413 7.38 24.50 27.18
CA GLN A 413 6.80 25.76 26.69
C GLN A 413 5.37 25.94 27.23
N ALA A 414 4.62 24.83 27.37
CA ALA A 414 3.26 24.82 27.93
C ALA A 414 3.33 25.07 29.45
N ALA A 415 4.30 24.41 30.14
CA ALA A 415 4.55 24.54 31.57
C ALA A 415 4.97 25.97 31.94
N GLU A 416 5.65 26.67 31.01
CA GLU A 416 6.09 28.07 31.16
C GLU A 416 4.88 29.01 31.22
N LYS A 417 3.82 28.70 30.45
CA LYS A 417 2.58 29.48 30.40
C LYS A 417 1.76 29.32 31.69
N LEU A 418 1.96 28.21 32.42
CA LEU A 418 1.27 27.91 33.68
C LEU A 418 2.18 28.12 34.91
N GLY A 419 3.47 28.37 34.67
CA GLY A 419 4.48 28.55 35.72
C GLY A 419 4.71 27.26 36.50
N GLU A 420 4.57 26.10 35.81
CA GLU A 420 4.69 24.77 36.38
C GLU A 420 5.92 24.01 35.82
N THR A 421 6.97 24.75 35.40
CA THR A 421 8.22 24.19 34.85
C THR A 421 8.98 23.36 35.88
N GLU A 422 8.93 23.78 37.17
CA GLU A 422 9.59 23.11 38.29
C GLU A 422 8.99 21.73 38.54
N LYS A 423 7.64 21.62 38.49
CA LYS A 423 6.89 20.36 38.67
C LYS A 423 7.29 19.35 37.58
N LEU A 424 7.51 19.85 36.34
CA LEU A 424 7.93 19.05 35.19
C LEU A 424 9.40 18.65 35.32
N SER A 425 10.26 19.57 35.79
CA SER A 425 11.71 19.35 35.99
C SER A 425 11.95 18.24 37.02
N ILE A 426 11.14 18.20 38.11
CA ILE A 426 11.21 17.17 39.16
C ILE A 426 10.75 15.82 38.57
N MET A 427 9.67 15.85 37.76
CA MET A 427 9.08 14.67 37.11
C MET A 427 10.06 13.97 36.17
N ILE A 428 10.86 14.76 35.42
CA ILE A 428 11.88 14.25 34.50
C ILE A 428 13.08 13.72 35.33
N GLU A 429 13.42 14.39 36.45
CA GLU A 429 14.50 13.98 37.37
C GLU A 429 14.22 12.63 38.02
N GLU A 430 12.98 12.43 38.54
CA GLU A 430 12.52 11.25 39.26
C GLU A 430 12.52 9.96 38.44
N CYS A 431 12.19 10.02 37.13
CA CYS A 431 12.16 8.82 36.27
C CYS A 431 13.52 8.56 35.56
N GLY A 432 14.55 9.33 35.94
CA GLY A 432 15.89 9.21 35.40
C GLY A 432 16.09 9.84 34.03
N GLY A 433 15.22 10.78 33.68
CA GLY A 433 15.25 11.50 32.41
C GLY A 433 16.37 12.54 32.34
N LEU A 434 16.69 13.16 33.50
CA LEU A 434 17.75 14.16 33.65
C LEU A 434 19.12 13.56 33.28
N ASP A 435 19.41 12.33 33.74
CA ASP A 435 20.65 11.60 33.49
C ASP A 435 20.83 11.31 31.98
N LYS A 436 19.70 11.07 31.28
CA LYS A 436 19.68 10.78 29.84
C LYS A 436 19.94 12.05 29.00
N ILE A 437 19.26 13.19 29.34
CA ILE A 437 19.42 14.48 28.64
C ILE A 437 20.86 15.02 28.84
N GLU A 438 21.41 14.91 30.08
CA GLU A 438 22.77 15.33 30.43
C GLU A 438 23.82 14.55 29.64
N ALA A 439 23.59 13.24 29.42
CA ALA A 439 24.48 12.37 28.66
C ALA A 439 24.46 12.71 27.16
N LEU A 440 23.30 13.20 26.66
CA LEU A 440 23.11 13.59 25.25
C LEU A 440 23.81 14.92 24.91
N GLN A 441 24.40 15.62 25.91
CA GLN A 441 25.13 16.87 25.69
C GLN A 441 26.46 16.60 24.97
N ARG A 442 26.96 15.34 25.04
CA ARG A 442 28.19 14.87 24.43
C ARG A 442 27.92 13.92 23.24
N HIS A 443 26.71 14.01 22.64
CA HIS A 443 26.28 13.19 21.51
C HIS A 443 26.96 13.65 20.20
N GLU A 444 27.13 12.71 19.25
CA GLU A 444 27.77 12.96 17.94
C GLU A 444 26.99 13.93 17.05
N ASN A 445 25.65 13.92 17.12
CA ASN A 445 24.79 14.80 16.31
C ASN A 445 24.74 16.21 16.88
N GLU A 446 24.85 17.22 15.98
CA GLU A 446 24.83 18.66 16.27
C GLU A 446 23.51 19.12 16.90
N SER A 447 22.37 18.81 16.25
CA SER A 447 21.03 19.19 16.69
C SER A 447 20.69 18.62 18.08
N VAL A 448 21.10 17.35 18.37
CA VAL A 448 20.87 16.66 19.65
C VAL A 448 21.67 17.38 20.75
N TYR A 449 22.97 17.63 20.49
CA TYR A 449 23.92 18.33 21.37
C TYR A 449 23.40 19.71 21.75
N LYS A 450 22.90 20.50 20.77
CA LYS A 450 22.37 21.85 20.96
C LYS A 450 21.05 21.85 21.78
N ALA A 451 20.10 20.97 21.42
CA ALA A 451 18.78 20.85 22.09
C ALA A 451 18.90 20.38 23.54
N SER A 452 19.80 19.40 23.81
CA SER A 452 20.02 18.84 25.14
C SER A 452 20.70 19.85 26.08
N LEU A 453 21.69 20.63 25.56
CA LEU A 453 22.41 21.66 26.32
C LEU A 453 21.43 22.79 26.69
N ASN A 454 20.50 23.13 25.77
CA ASN A 454 19.48 24.17 25.92
C ASN A 454 18.52 23.85 27.08
N LEU A 455 18.01 22.59 27.14
CA LEU A 455 17.07 22.13 28.16
C LEU A 455 17.71 22.09 29.56
N ILE A 456 19.00 21.70 29.66
CA ILE A 456 19.74 21.65 30.92
C ILE A 456 19.94 23.08 31.44
N GLU A 457 20.39 24.00 30.57
CA GLU A 457 20.65 25.41 30.91
C GLU A 457 19.37 26.20 31.26
N LYS A 458 18.24 25.87 30.61
CA LYS A 458 16.97 26.59 30.80
C LYS A 458 16.12 26.05 31.97
N TYR A 459 16.15 24.72 32.24
CA TYR A 459 15.27 24.13 33.26
C TYR A 459 15.96 23.23 34.31
N PHE A 460 17.24 22.85 34.12
CA PHE A 460 17.89 21.96 35.07
C PHE A 460 19.20 22.56 35.66
N SER A 461 19.17 23.86 36.00
CA SER A 461 20.32 24.57 36.56
C SER A 461 19.89 25.59 37.62
N ARG B 3 3.30 19.39 9.30
CA ARG B 3 4.03 18.36 10.03
C ARG B 3 3.61 16.93 9.59
N LYS B 4 2.78 16.84 8.51
CA LYS B 4 2.30 15.58 7.93
C LYS B 4 3.45 14.85 7.25
N ARG B 5 3.52 13.52 7.43
CA ARG B 5 4.56 12.73 6.80
C ARG B 5 3.96 11.59 6.00
N GLY B 6 4.35 11.51 4.72
CA GLY B 6 3.93 10.45 3.81
C GLY B 6 4.58 9.13 4.19
N TYR B 7 4.06 8.00 3.66
CA TYR B 7 4.56 6.66 3.95
C TYR B 7 6.08 6.54 3.75
N SER B 8 6.62 7.07 2.62
CA SER B 8 8.06 7.00 2.31
C SER B 8 8.90 7.83 3.28
N VAL B 9 8.37 8.98 3.73
CA VAL B 9 9.04 9.86 4.71
C VAL B 9 9.11 9.13 6.08
N ALA B 10 8.00 8.46 6.48
CA ALA B 10 7.95 7.73 7.75
C ALA B 10 8.78 6.45 7.72
N PHE B 11 8.59 5.62 6.68
CA PHE B 11 9.25 4.32 6.58
C PHE B 11 10.19 4.25 5.39
N ARG C 3 2.53 -6.22 -8.43
CA ARG C 3 2.66 -7.65 -8.22
C ARG C 3 2.49 -8.34 -9.58
N LYS C 4 3.10 -9.52 -9.71
CA LYS C 4 2.89 -10.39 -10.84
C LYS C 4 2.48 -11.74 -10.29
N ARG C 5 1.71 -12.50 -11.05
CA ARG C 5 1.22 -13.80 -10.60
C ARG C 5 1.30 -14.86 -11.68
N GLY C 6 1.83 -16.01 -11.32
CA GLY C 6 1.87 -17.14 -12.21
C GLY C 6 0.56 -17.89 -12.15
N TYR C 7 0.19 -18.52 -13.27
CA TYR C 7 -1.00 -19.34 -13.35
C TYR C 7 -0.61 -20.80 -13.15
N SER C 8 -0.94 -21.33 -11.97
CA SER C 8 -0.71 -22.71 -11.59
C SER C 8 0.73 -22.96 -11.22
#